data_7BMC
#
_entry.id   7BMC
#
_cell.length_a   83.716
_cell.length_b   111.429
_cell.length_c   62.610
_cell.angle_alpha   90.000
_cell.angle_beta   90.000
_cell.angle_gamma   90.000
#
_symmetry.space_group_name_H-M   'C 2 2 21'
#
loop_
_entity.id
_entity.type
_entity.pdbx_description
1 polymer '14-3-3 protein sigma'
2 polymer VAL-ASN-LEU-SEP-ILE
3 non-polymer FUSICOCCIN
4 non-polymer 'MAGNESIUM ION'
5 non-polymer 'CHLORIDE ION'
6 water water
#
loop_
_entity_poly.entity_id
_entity_poly.type
_entity_poly.pdbx_seq_one_letter_code
_entity_poly.pdbx_strand_id
1 'polypeptide(L)'
;GAMGSMERASLIQKAKLAEQAERYEDMAAFMKGAVEKGEELS(CSO)EERNLLSVAYKNVVGGQRAAWRVLSSIEQKSNE
EGSEEKGPEVREYREKVETELQGVCDTVLGLLDSHLIKEAGDAESRVFYLKMKGDYYRYLAEVATGDDKKRIIDSARSAY
QEAMDISKKEMPPTNPIRLGLALNFSVFHYEIANSPEEAISLAKTTFDEAMADLHTLSEDSYKDSTLIMQLLRDNLTLWT
ADNAGEEGGEAPQEPQS
;
A
2 'polypeptide(L)' VNL(SEP)I B
#
# COMPACT_ATOMS: atom_id res chain seq x y z
N GLY A 1 24.38 -2.81 4.07
CA GLY A 1 23.91 -3.04 2.67
C GLY A 1 24.43 -4.32 2.08
N ALA A 2 23.69 -5.41 2.26
CA ALA A 2 24.06 -6.68 1.66
C ALA A 2 24.09 -6.61 0.14
N MET A 3 23.36 -5.67 -0.46
CA MET A 3 23.32 -5.50 -1.91
C MET A 3 24.31 -4.45 -2.39
N GLY A 4 25.17 -3.95 -1.51
CA GLY A 4 26.04 -2.85 -1.86
C GLY A 4 27.08 -3.18 -2.91
N SER A 5 27.46 -4.45 -3.00
CA SER A 5 28.47 -4.88 -3.97
C SER A 5 27.88 -5.24 -5.33
N MET A 6 26.56 -5.19 -5.51
CA MET A 6 25.96 -5.58 -6.76
C MET A 6 25.59 -4.35 -7.59
N GLU A 7 25.81 -4.45 -8.90
CA GLU A 7 25.48 -3.36 -9.80
C GLU A 7 23.98 -3.06 -9.75
N ARG A 8 23.65 -1.77 -9.87
CA ARG A 8 22.26 -1.36 -9.89
C ARG A 8 21.48 -2.10 -10.98
N ALA A 9 22.05 -2.19 -12.18
CA ALA A 9 21.35 -2.85 -13.27
C ALA A 9 21.11 -4.32 -12.96
N SER A 10 22.07 -4.96 -12.30
CA SER A 10 21.91 -6.37 -11.93
C SER A 10 20.81 -6.54 -10.89
N LEU A 11 20.69 -5.60 -9.95
CA LEU A 11 19.62 -5.65 -8.97
C LEU A 11 18.26 -5.56 -9.62
N ILE A 12 18.11 -4.65 -10.59
CA ILE A 12 16.85 -4.52 -11.31
C ILE A 12 16.55 -5.79 -12.08
N GLN A 13 17.56 -6.33 -12.77
CA GLN A 13 17.38 -7.56 -13.52
C GLN A 13 16.94 -8.70 -12.61
N LYS A 14 17.57 -8.81 -11.43
CA LYS A 14 17.23 -9.89 -10.51
C LYS A 14 15.89 -9.67 -9.83
N ALA A 15 15.48 -8.42 -9.65
CA ALA A 15 14.13 -8.16 -9.13
C ALA A 15 13.07 -8.65 -10.10
N LYS A 16 13.29 -8.47 -11.41
CA LYS A 16 12.35 -8.98 -12.39
C LYS A 16 12.35 -10.51 -12.44
N LEU A 17 13.52 -11.13 -12.30
CA LEU A 17 13.58 -12.58 -12.21
C LEU A 17 12.81 -13.07 -10.99
N ALA A 18 12.99 -12.42 -9.83
CA ALA A 18 12.28 -12.82 -8.63
C ALA A 18 10.78 -12.68 -8.81
N GLU A 19 10.34 -11.62 -9.49
CA GLU A 19 8.92 -11.44 -9.77
C GLU A 19 8.37 -12.62 -10.56
N GLN A 20 9.06 -13.01 -11.63
CA GLN A 20 8.62 -14.15 -12.42
C GLN A 20 8.56 -15.42 -11.59
N ALA A 21 9.45 -15.56 -10.62
CA ALA A 21 9.49 -16.73 -9.74
C ALA A 21 8.62 -16.56 -8.50
N GLU A 22 7.90 -15.44 -8.38
CA GLU A 22 7.07 -15.17 -7.21
C GLU A 22 7.87 -15.29 -5.92
N ARG A 23 9.13 -14.86 -5.98
CA ARG A 23 10.01 -14.80 -4.82
C ARG A 23 10.04 -13.35 -4.34
N TYR A 24 8.99 -12.97 -3.59
CA TYR A 24 8.77 -11.54 -3.34
C TYR A 24 9.67 -11.00 -2.24
N GLU A 25 10.08 -11.84 -1.28
CA GLU A 25 11.07 -11.40 -0.30
C GLU A 25 12.39 -11.05 -0.98
N ASP A 26 12.85 -11.92 -1.88
CA ASP A 26 14.05 -11.60 -2.68
C ASP A 26 13.83 -10.35 -3.50
N MET A 27 12.68 -10.26 -4.17
CA MET A 27 12.39 -9.11 -5.01
C MET A 27 12.48 -7.81 -4.22
N ALA A 28 11.96 -7.81 -2.99
CA ALA A 28 12.01 -6.60 -2.17
C ALA A 28 13.43 -6.25 -1.77
N ALA A 29 14.24 -7.26 -1.45
CA ALA A 29 15.63 -7.00 -1.07
C ALA A 29 16.43 -6.44 -2.22
N PHE A 30 16.22 -6.96 -3.43
CA PHE A 30 16.91 -6.41 -4.60
C PHE A 30 16.53 -4.95 -4.83
N MET A 31 15.23 -4.64 -4.74
CA MET A 31 14.79 -3.27 -4.99
C MET A 31 15.19 -2.33 -3.87
N LYS A 32 15.27 -2.82 -2.64
CA LYS A 32 15.85 -2.01 -1.57
C LYS A 32 17.30 -1.66 -1.88
N GLY A 33 18.09 -2.63 -2.34
CA GLY A 33 19.45 -2.34 -2.73
C GLY A 33 19.53 -1.34 -3.87
N ALA A 34 18.60 -1.46 -4.83
CA ALA A 34 18.58 -0.53 -5.96
C ALA A 34 18.27 0.88 -5.51
N VAL A 35 17.29 1.06 -4.62
CA VAL A 35 16.98 2.37 -4.09
C VAL A 35 18.20 2.96 -3.39
N GLU A 36 18.90 2.14 -2.61
CA GLU A 36 20.03 2.62 -1.83
C GLU A 36 21.23 2.99 -2.69
N LYS A 37 21.18 2.76 -4.00
CA LYS A 37 22.24 3.25 -4.88
C LYS A 37 22.19 4.77 -5.02
N GLY A 38 21.08 5.41 -4.65
CA GLY A 38 20.99 6.85 -4.59
C GLY A 38 20.39 7.51 -5.81
N GLU A 39 20.10 6.74 -6.87
CA GLU A 39 19.47 7.30 -8.06
C GLU A 39 17.95 7.12 -7.99
N GLU A 40 17.24 8.02 -8.64
CA GLU A 40 15.79 7.96 -8.67
C GLU A 40 15.33 6.73 -9.47
N LEU A 41 14.16 6.20 -9.09
CA LEU A 41 13.58 5.08 -9.80
C LEU A 41 12.79 5.55 -11.01
N SER A 42 12.85 4.76 -12.07
CA SER A 42 12.02 4.98 -13.24
C SER A 42 10.60 4.48 -12.98
N GLU A 44 8.93 2.09 -14.36
CA GLU A 44 8.90 0.63 -14.29
C GLU A 44 9.54 0.13 -13.00
N GLU A 45 10.59 0.82 -12.55
CA GLU A 45 11.29 0.41 -11.33
C GLU A 45 10.46 0.71 -10.09
N ARG A 46 9.70 1.79 -10.09
CA ARG A 46 8.80 2.06 -8.97
C ARG A 46 7.79 0.94 -8.82
N ASN A 47 7.28 0.41 -9.93
CA ASN A 47 6.30 -0.67 -9.86
C ASN A 47 6.91 -1.93 -9.28
N LEU A 48 8.17 -2.23 -9.61
CA LEU A 48 8.84 -3.37 -9.00
C LEU A 48 8.93 -3.21 -7.49
N LEU A 49 9.26 -2.01 -7.02
CA LEU A 49 9.36 -1.75 -5.59
C LEU A 49 8.02 -2.00 -4.89
N SER A 50 6.95 -1.39 -5.40
CA SER A 50 5.67 -1.47 -4.71
C SER A 50 5.11 -2.88 -4.74
N VAL A 51 5.24 -3.58 -5.86
CA VAL A 51 4.72 -4.93 -5.96
C VAL A 51 5.43 -5.85 -4.98
N ALA A 52 6.74 -5.69 -4.83
CA ALA A 52 7.51 -6.59 -3.97
C ALA A 52 7.02 -6.48 -2.52
N TYR A 53 7.04 -5.28 -1.95
CA TYR A 53 6.66 -5.12 -0.56
C TYR A 53 5.17 -5.31 -0.35
N LYS A 54 4.35 -4.96 -1.34
CA LYS A 54 2.92 -5.24 -1.26
C LYS A 54 2.67 -6.73 -1.01
N ASN A 55 3.40 -7.59 -1.72
CA ASN A 55 3.17 -9.03 -1.57
C ASN A 55 3.75 -9.55 -0.26
N VAL A 56 4.92 -9.03 0.14
CA VAL A 56 5.50 -9.46 1.42
C VAL A 56 4.57 -9.11 2.57
N VAL A 57 4.19 -7.83 2.68
CA VAL A 57 3.33 -7.41 3.76
C VAL A 57 1.94 -7.99 3.61
N GLY A 58 1.50 -8.23 2.38
CA GLY A 58 0.20 -8.85 2.17
C GLY A 58 0.08 -10.21 2.84
N GLY A 59 1.12 -11.04 2.69
CA GLY A 59 1.11 -12.34 3.35
C GLY A 59 1.20 -12.22 4.86
N GLN A 60 2.00 -11.28 5.36
CA GLN A 60 2.09 -11.06 6.80
C GLN A 60 0.74 -10.63 7.37
N ARG A 61 0.03 -9.74 6.66
CA ARG A 61 -1.26 -9.27 7.15
C ARG A 61 -2.28 -10.40 7.21
N ALA A 62 -2.35 -11.21 6.15
CA ALA A 62 -3.30 -12.32 6.16
C ALA A 62 -3.01 -13.28 7.30
N ALA A 63 -1.72 -13.53 7.57
CA ALA A 63 -1.37 -14.42 8.67
C ALA A 63 -1.68 -13.78 10.02
N TRP A 64 -1.38 -12.48 10.16
CA TRP A 64 -1.74 -11.77 11.38
C TRP A 64 -3.24 -11.84 11.64
N ARG A 65 -4.05 -11.70 10.59
N ARG A 65 -4.06 -11.71 10.59
CA ARG A 65 -5.50 -11.76 10.76
CA ARG A 65 -5.49 -11.75 10.77
C ARG A 65 -5.95 -13.13 11.22
C ARG A 65 -5.96 -13.13 11.22
N VAL A 66 -5.38 -14.20 10.66
CA VAL A 66 -5.73 -15.55 11.10
C VAL A 66 -5.45 -15.70 12.58
N LEU A 67 -4.25 -15.28 13.01
CA LEU A 67 -3.86 -15.44 14.40
C LEU A 67 -4.68 -14.55 15.33
N SER A 68 -4.91 -13.30 14.93
CA SER A 68 -5.71 -12.40 15.77
C SER A 68 -7.14 -12.92 15.95
N SER A 69 -7.68 -13.59 14.93
CA SER A 69 -9.01 -14.18 15.07
C SER A 69 -8.98 -15.33 16.07
N ILE A 70 -7.98 -16.21 15.97
CA ILE A 70 -7.83 -17.27 16.96
C ILE A 70 -7.66 -16.66 18.35
N GLU A 71 -6.87 -15.60 18.45
CA GLU A 71 -6.67 -14.94 19.73
C GLU A 71 -7.98 -14.38 20.28
N GLN A 72 -8.79 -13.76 19.41
CA GLN A 72 -10.06 -13.21 19.85
C GLN A 72 -10.97 -14.30 20.40
N LYS A 73 -11.06 -15.43 19.69
CA LYS A 73 -11.86 -16.55 20.19
C LYS A 73 -11.36 -17.01 21.55
N SER A 74 -10.05 -17.06 21.74
CA SER A 74 -9.48 -17.56 22.99
C SER A 74 -9.82 -16.67 24.17
N ASN A 75 -10.28 -15.44 23.93
CA ASN A 75 -10.59 -14.50 25.00
C ASN A 75 -12.10 -14.31 25.16
N GLU A 76 -12.90 -15.21 24.61
CA GLU A 76 -14.36 -15.13 24.77
C GLU A 76 -14.81 -15.93 25.99
N GLY A 78 -16.34 -18.94 27.72
CA GLY A 78 -16.51 -20.35 27.38
C GLY A 78 -15.30 -20.97 26.73
N SER A 79 -14.26 -20.17 26.54
CA SER A 79 -13.00 -20.65 25.96
C SER A 79 -12.03 -21.02 27.08
N GLU A 80 -11.29 -22.11 26.87
CA GLU A 80 -10.26 -22.50 27.82
C GLU A 80 -9.02 -21.63 27.64
N GLU A 81 -8.23 -21.52 28.71
CA GLU A 81 -7.04 -20.69 28.71
C GLU A 81 -6.12 -21.02 27.53
N GLY A 83 -2.96 -20.83 27.45
CA GLY A 83 -1.61 -20.35 27.72
C GLY A 83 -1.27 -19.13 26.88
N PRO A 84 -0.01 -18.70 26.93
CA PRO A 84 0.41 -17.49 26.22
C PRO A 84 0.78 -17.69 24.75
N GLU A 85 0.71 -18.93 24.24
CA GLU A 85 1.33 -19.22 22.94
C GLU A 85 0.68 -18.44 21.81
N VAL A 86 -0.65 -18.34 21.79
CA VAL A 86 -1.32 -17.65 20.69
C VAL A 86 -0.91 -16.19 20.67
N ARG A 87 -0.93 -15.52 21.82
CA ARG A 87 -0.47 -14.13 21.89
C ARG A 87 0.98 -14.01 21.46
N GLU A 88 1.82 -14.94 21.92
CA GLU A 88 3.25 -14.86 21.59
C GLU A 88 3.47 -14.93 20.09
N TYR A 89 2.84 -15.90 19.42
CA TYR A 89 3.05 -16.07 17.99
C TYR A 89 2.39 -14.94 17.20
N ARG A 90 1.23 -14.45 17.66
CA ARG A 90 0.64 -13.27 17.03
C ARG A 90 1.58 -12.07 17.15
N GLU A 91 2.22 -11.90 18.31
CA GLU A 91 3.17 -10.81 18.48
C GLU A 91 4.39 -11.00 17.58
N LYS A 92 4.82 -12.25 17.38
CA LYS A 92 5.97 -12.51 16.52
C LYS A 92 5.68 -12.07 15.09
N VAL A 93 4.55 -12.49 14.55
CA VAL A 93 4.17 -12.09 13.19
C VAL A 93 3.98 -10.58 13.13
N GLU A 94 3.36 -10.01 14.16
CA GLU A 94 3.09 -8.58 14.18
C GLU A 94 4.40 -7.77 14.13
N THR A 95 5.37 -8.17 14.96
CA THR A 95 6.64 -7.44 14.99
C THR A 95 7.37 -7.55 13.66
N GLU A 96 7.32 -8.72 13.03
N GLU A 96 7.33 -8.73 13.03
CA GLU A 96 7.92 -8.88 11.71
CA GLU A 96 7.92 -8.86 11.70
C GLU A 96 7.20 -8.01 10.67
C GLU A 96 7.20 -7.97 10.69
N LEU A 97 5.88 -7.89 10.79
CA LEU A 97 5.11 -7.03 9.90
C LEU A 97 5.50 -5.57 10.10
N GLN A 98 5.54 -5.13 11.35
CA GLN A 98 5.92 -3.74 11.63
C GLN A 98 7.33 -3.44 11.13
N GLY A 99 8.23 -4.42 11.20
CA GLY A 99 9.58 -4.22 10.72
C GLY A 99 9.63 -3.95 9.23
N VAL A 100 8.84 -4.69 8.44
CA VAL A 100 8.79 -4.46 7.01
C VAL A 100 8.20 -3.08 6.70
N CYS A 101 7.13 -2.71 7.40
CA CYS A 101 6.55 -1.38 7.20
C CYS A 101 7.55 -0.29 7.55
N ASP A 102 8.26 -0.46 8.66
CA ASP A 102 9.28 0.52 9.03
C ASP A 102 10.35 0.64 7.95
N THR A 103 10.75 -0.50 7.35
CA THR A 103 11.77 -0.47 6.32
C THR A 103 11.30 0.29 5.09
N VAL A 104 10.06 0.02 4.64
CA VAL A 104 9.52 0.71 3.48
C VAL A 104 9.44 2.21 3.76
N LEU A 105 8.89 2.58 4.92
CA LEU A 105 8.74 4.00 5.24
C LEU A 105 10.09 4.70 5.30
N GLY A 106 11.11 4.00 5.80
CA GLY A 106 12.45 4.58 5.83
C GLY A 106 13.00 4.84 4.44
N LEU A 107 12.74 3.93 3.50
CA LEU A 107 13.17 4.13 2.13
C LEU A 107 12.48 5.35 1.52
N LEU A 108 11.16 5.44 1.70
CA LEU A 108 10.43 6.59 1.19
C LEU A 108 10.98 7.88 1.78
N ASP A 109 11.34 7.86 3.06
CA ASP A 109 11.87 9.05 3.71
C ASP A 109 13.34 9.30 3.36
N SER A 110 14.04 8.30 2.85
CA SER A 110 15.49 8.40 2.56
C SER A 110 15.80 7.62 1.28
N HIS A 111 15.64 8.25 0.11
CA HIS A 111 15.23 9.65 -0.05
C HIS A 111 14.28 9.79 -1.26
N LEU A 112 13.36 8.82 -1.42
CA LEU A 112 12.54 8.77 -2.62
C LEU A 112 11.55 9.93 -2.68
N ILE A 113 10.89 10.25 -1.57
CA ILE A 113 9.84 11.26 -1.60
C ILE A 113 10.42 12.64 -1.85
N LYS A 114 11.51 12.99 -1.14
CA LYS A 114 12.02 14.35 -1.24
C LYS A 114 12.61 14.64 -2.61
N GLU A 115 13.16 13.64 -3.29
CA GLU A 115 13.78 13.83 -4.59
C GLU A 115 12.82 13.69 -5.76
N ALA A 116 11.55 13.40 -5.50
CA ALA A 116 10.57 13.18 -6.57
C ALA A 116 9.92 14.52 -6.93
N GLY A 117 10.09 14.93 -8.19
CA GLY A 117 9.56 16.19 -8.66
C GLY A 117 8.35 16.04 -9.56
N ASP A 118 8.37 15.04 -10.44
CA ASP A 118 7.23 14.80 -11.32
C ASP A 118 6.04 14.28 -10.52
N ALA A 119 4.85 14.76 -10.88
CA ALA A 119 3.66 14.43 -10.09
C ALA A 119 3.46 12.93 -9.98
N GLU A 120 3.67 12.19 -11.06
CA GLU A 120 3.39 10.76 -11.04
C GLU A 120 4.20 10.04 -9.97
N SER A 121 5.49 10.37 -9.86
CA SER A 121 6.33 9.72 -8.85
C SER A 121 6.00 10.21 -7.45
N ARG A 122 5.72 11.50 -7.30
CA ARG A 122 5.44 12.06 -5.97
C ARG A 122 4.18 11.44 -5.38
N VAL A 123 3.10 11.36 -6.18
CA VAL A 123 1.86 10.75 -5.70
C VAL A 123 2.07 9.26 -5.46
N PHE A 124 2.81 8.59 -6.34
CA PHE A 124 3.11 7.17 -6.17
C PHE A 124 3.70 6.90 -4.80
N TYR A 125 4.77 7.62 -4.45
CA TYR A 125 5.45 7.37 -3.19
C TYR A 125 4.60 7.79 -2.00
N LEU A 126 3.84 8.88 -2.13
CA LEU A 126 2.96 9.29 -1.03
C LEU A 126 1.84 8.29 -0.83
N LYS A 127 1.35 7.66 -1.90
CA LYS A 127 0.41 6.55 -1.73
C LYS A 127 1.05 5.43 -0.91
N MET A 128 2.28 5.04 -1.27
CA MET A 128 2.97 3.99 -0.53
C MET A 128 3.09 4.35 0.95
N LYS A 129 3.47 5.60 1.23
CA LYS A 129 3.60 6.04 2.61
C LYS A 129 2.28 5.91 3.36
N GLY A 130 1.17 6.27 2.72
CA GLY A 130 -0.13 6.09 3.34
C GLY A 130 -0.48 4.63 3.54
N ASP A 131 -0.17 3.79 2.54
CA ASP A 131 -0.46 2.37 2.63
C ASP A 131 0.25 1.74 3.83
N TYR A 132 1.54 2.01 4.00
CA TYR A 132 2.29 1.30 5.02
C TYR A 132 2.06 1.87 6.41
N TYR A 133 1.65 3.14 6.51
CA TYR A 133 1.14 3.62 7.80
C TYR A 133 -0.23 3.03 8.10
N ARG A 134 -1.05 2.80 7.07
CA ARG A 134 -2.32 2.12 7.27
C ARG A 134 -2.12 0.70 7.78
N TYR A 135 -1.14 -0.02 7.23
CA TYR A 135 -0.88 -1.38 7.68
C TYR A 135 -0.41 -1.38 9.14
N LEU A 136 0.36 -0.37 9.54
CA LEU A 136 0.73 -0.23 10.94
C LEU A 136 -0.49 0.07 11.80
N ALA A 137 -1.44 0.84 11.28
CA ALA A 137 -2.64 1.16 12.03
C ALA A 137 -3.54 -0.05 12.21
N GLU A 138 -3.53 -0.98 11.25
CA GLU A 138 -4.38 -2.16 11.36
C GLU A 138 -4.06 -2.99 12.60
N VAL A 139 -2.81 -2.97 13.05
CA VAL A 139 -2.39 -3.77 14.21
C VAL A 139 -2.13 -2.91 15.44
N ALA A 140 -2.26 -1.59 15.33
CA ALA A 140 -1.98 -0.72 16.45
C ALA A 140 -3.10 -0.75 17.47
N THR A 141 -2.72 -0.79 18.75
CA THR A 141 -3.70 -0.78 19.85
C THR A 141 -3.29 0.11 21.02
N GLY A 142 -2.08 0.66 21.03
CA GLY A 142 -1.59 1.43 22.15
C GLY A 142 -1.81 2.92 21.97
N ASP A 143 -0.98 3.71 22.65
CA ASP A 143 -1.06 5.15 22.60
C ASP A 143 -0.74 5.73 21.22
N ASP A 144 -0.16 4.92 20.33
CA ASP A 144 0.30 5.41 19.03
C ASP A 144 -0.75 5.31 17.94
N LYS A 145 -1.84 4.56 18.16
CA LYS A 145 -2.80 4.33 17.10
C LYS A 145 -3.26 5.63 16.46
N LYS A 146 -3.70 6.59 17.29
CA LYS A 146 -4.22 7.84 16.74
C LYS A 146 -3.17 8.56 15.90
N ARG A 147 -1.92 8.57 16.35
CA ARG A 147 -0.87 9.26 15.59
C ARG A 147 -0.55 8.52 14.30
N ILE A 148 -0.51 7.18 14.36
CA ILE A 148 -0.28 6.40 13.15
C ILE A 148 -1.38 6.66 12.13
N ILE A 149 -2.63 6.73 12.59
CA ILE A 149 -3.75 6.96 11.69
C ILE A 149 -3.60 8.31 11.00
N ASP A 150 -3.16 9.33 11.72
CA ASP A 150 -3.05 10.66 11.12
C ASP A 150 -1.88 10.76 10.17
N SER A 151 -0.81 9.99 10.41
CA SER A 151 0.29 9.94 9.46
C SER A 151 -0.16 9.36 8.14
N ALA A 152 -1.03 8.35 8.18
CA ALA A 152 -1.60 7.81 6.96
C ALA A 152 -2.49 8.83 6.27
N ARG A 153 -3.41 9.45 7.02
N ARG A 153 -3.41 9.44 7.02
CA ARG A 153 -4.28 10.46 6.44
CA ARG A 153 -4.28 10.47 6.46
C ARG A 153 -3.46 11.58 5.80
C ARG A 153 -3.47 11.58 5.81
N SER A 154 -2.46 12.09 6.51
CA SER A 154 -1.67 13.19 5.99
C SER A 154 -0.95 12.82 4.69
N ALA A 155 -0.41 11.60 4.63
CA ALA A 155 0.26 11.16 3.40
C ALA A 155 -0.75 11.00 2.27
N TYR A 156 -1.87 10.31 2.54
CA TYR A 156 -2.90 10.14 1.53
C TYR A 156 -3.43 11.47 1.04
N GLN A 157 -3.60 12.44 1.96
CA GLN A 157 -4.23 13.70 1.59
C GLN A 157 -3.34 14.53 0.67
N GLU A 158 -2.04 14.62 0.98
CA GLU A 158 -1.14 15.36 0.10
C GLU A 158 -1.13 14.74 -1.29
N ALA A 159 -1.07 13.41 -1.37
CA ALA A 159 -1.13 12.73 -2.65
C ALA A 159 -2.41 13.08 -3.40
N MET A 160 -3.54 13.10 -2.69
CA MET A 160 -4.81 13.44 -3.32
C MET A 160 -4.77 14.85 -3.91
N ASP A 161 -4.26 15.82 -3.14
CA ASP A 161 -4.20 17.19 -3.62
C ASP A 161 -3.35 17.30 -4.88
N ILE A 162 -2.21 16.61 -4.91
CA ILE A 162 -1.35 16.65 -6.08
C ILE A 162 -2.04 16.01 -7.27
N SER A 163 -2.65 14.84 -7.06
CA SER A 163 -3.22 14.09 -8.18
C SER A 163 -4.40 14.82 -8.80
N LYS A 164 -5.20 15.51 -7.98
CA LYS A 164 -6.32 16.26 -8.50
C LYS A 164 -5.86 17.52 -9.23
N LYS A 165 -4.65 18.00 -8.94
CA LYS A 165 -4.12 19.18 -9.61
C LYS A 165 -3.32 18.83 -10.87
N GLU A 166 -2.63 17.69 -10.87
CA GLU A 166 -1.62 17.40 -11.89
C GLU A 166 -1.95 16.23 -12.81
N MET A 167 -2.98 15.44 -12.51
CA MET A 167 -3.25 14.22 -13.27
C MET A 167 -4.69 14.18 -13.75
N PRO A 168 -4.94 13.49 -14.87
CA PRO A 168 -6.31 13.32 -15.35
C PRO A 168 -7.06 12.33 -14.48
N PRO A 169 -8.40 12.37 -14.49
CA PRO A 169 -9.17 11.49 -13.58
C PRO A 169 -8.96 10.01 -13.81
N THR A 170 -8.50 9.59 -14.99
CA THR A 170 -8.35 8.18 -15.31
C THR A 170 -6.92 7.68 -15.13
N ASN A 171 -6.01 8.52 -14.65
CA ASN A 171 -4.65 8.08 -14.40
CA ASN A 171 -4.65 8.08 -14.40
C ASN A 171 -4.67 6.93 -13.40
N PRO A 172 -3.96 5.82 -13.68
CA PRO A 172 -4.07 4.67 -12.77
C PRO A 172 -3.55 4.94 -11.37
N ILE A 173 -2.52 5.79 -11.25
CA ILE A 173 -2.00 6.12 -9.92
C ILE A 173 -3.01 6.96 -9.14
N ARG A 174 -3.64 7.92 -9.81
CA ARG A 174 -4.66 8.73 -9.14
C ARG A 174 -5.83 7.85 -8.69
N LEU A 175 -6.27 6.93 -9.55
CA LEU A 175 -7.36 6.04 -9.19
C LEU A 175 -6.98 5.11 -8.05
N GLY A 176 -5.78 4.51 -8.12
CA GLY A 176 -5.35 3.61 -7.06
C GLY A 176 -5.21 4.30 -5.72
N LEU A 177 -4.69 5.53 -5.72
CA LEU A 177 -4.64 6.32 -4.50
C LEU A 177 -6.03 6.51 -3.93
N ALA A 178 -7.00 6.87 -4.79
CA ALA A 178 -8.36 7.12 -4.31
C ALA A 178 -9.00 5.86 -3.76
N LEU A 179 -8.77 4.72 -4.42
CA LEU A 179 -9.29 3.46 -3.91
C LEU A 179 -8.80 3.18 -2.50
N ASN A 180 -7.48 3.31 -2.29
CA ASN A 180 -6.91 2.97 -0.99
C ASN A 180 -7.25 3.99 0.08
N PHE A 181 -7.30 5.28 -0.30
CA PHE A 181 -7.73 6.30 0.66
C PHE A 181 -9.16 6.05 1.12
N SER A 182 -10.01 5.52 0.24
CA SER A 182 -11.39 5.22 0.62
C SER A 182 -11.46 4.01 1.54
N VAL A 183 -10.60 3.01 1.33
CA VAL A 183 -10.51 1.89 2.25
C VAL A 183 -10.01 2.37 3.61
N PHE A 184 -9.07 3.31 3.60
CA PHE A 184 -8.64 3.94 4.85
C PHE A 184 -9.82 4.54 5.59
N HIS A 185 -10.63 5.35 4.90
CA HIS A 185 -11.79 5.96 5.53
C HIS A 185 -12.72 4.90 6.11
N TYR A 186 -12.92 3.80 5.39
CA TYR A 186 -13.99 2.86 5.74
C TYR A 186 -13.63 2.04 6.97
N GLU A 187 -12.42 1.47 7.01
CA GLU A 187 -12.08 0.50 8.05
C GLU A 187 -11.01 0.96 9.03
N ILE A 188 -10.34 2.08 8.78
CA ILE A 188 -9.37 2.63 9.72
C ILE A 188 -9.93 3.86 10.43
N ALA A 189 -10.45 4.82 9.68
CA ALA A 189 -10.84 6.12 10.22
C ALA A 189 -12.30 6.17 10.64
N ASN A 190 -13.02 5.06 10.56
CA ASN A 190 -14.41 5.01 11.03
C ASN A 190 -15.28 6.04 10.31
N SER A 191 -15.08 6.17 8.99
CA SER A 191 -15.77 7.17 8.19
C SER A 191 -16.33 6.53 6.93
N PRO A 192 -17.30 5.62 7.08
CA PRO A 192 -17.83 4.92 5.89
C PRO A 192 -18.50 5.85 4.90
N GLU A 193 -19.13 6.92 5.36
CA GLU A 193 -19.78 7.85 4.42
C GLU A 193 -18.75 8.57 3.57
N GLU A 194 -17.62 8.97 4.16
CA GLU A 194 -16.55 9.56 3.39
C GLU A 194 -15.97 8.56 2.39
N ALA A 195 -15.81 7.31 2.82
CA ALA A 195 -15.32 6.28 1.90
C ALA A 195 -16.24 6.12 0.70
N ILE A 196 -17.56 6.13 0.94
CA ILE A 196 -18.52 5.92 -0.13
C ILE A 196 -18.56 7.12 -1.07
N SER A 197 -18.54 8.33 -0.51
CA SER A 197 -18.55 9.53 -1.35
C SER A 197 -17.32 9.58 -2.24
N LEU A 198 -16.15 9.25 -1.68
CA LEU A 198 -14.92 9.32 -2.46
C LEU A 198 -14.91 8.28 -3.59
N ALA A 199 -15.31 7.05 -3.27
CA ALA A 199 -15.30 5.99 -4.29
C ALA A 199 -16.23 6.34 -5.44
N LYS A 200 -17.36 6.97 -5.15
CA LYS A 200 -18.33 7.25 -6.20
C LYS A 200 -17.91 8.44 -7.06
N THR A 201 -17.43 9.52 -6.45
CA THR A 201 -16.93 10.64 -7.24
C THR A 201 -15.72 10.23 -8.06
N THR A 202 -14.85 9.40 -7.48
CA THR A 202 -13.70 8.89 -8.21
C THR A 202 -14.14 8.08 -9.43
N PHE A 203 -15.04 7.12 -9.22
CA PHE A 203 -15.53 6.31 -10.33
C PHE A 203 -16.22 7.17 -11.38
N ASP A 204 -17.13 8.04 -10.95
CA ASP A 204 -17.94 8.80 -11.90
C ASP A 204 -17.08 9.69 -12.78
N GLU A 205 -16.08 10.36 -12.19
CA GLU A 205 -15.25 11.28 -12.97
C GLU A 205 -14.29 10.56 -13.90
N ALA A 206 -13.91 9.32 -13.58
CA ALA A 206 -13.13 8.53 -14.52
C ALA A 206 -14.01 8.04 -15.67
N MET A 207 -15.24 7.63 -15.36
CA MET A 207 -16.16 7.20 -16.40
C MET A 207 -16.33 8.28 -17.47
N ALA A 208 -16.57 9.53 -17.04
CA ALA A 208 -16.79 10.62 -17.97
C ALA A 208 -15.55 11.02 -18.74
N ASP A 209 -14.37 10.52 -18.36
CA ASP A 209 -13.12 10.85 -19.02
C ASP A 209 -12.60 9.72 -19.90
N LEU A 210 -13.27 8.56 -19.91
CA LEU A 210 -12.80 7.45 -20.72
C LEU A 210 -12.75 7.79 -22.21
N HIS A 211 -13.63 8.67 -22.67
CA HIS A 211 -13.71 8.97 -24.09
C HIS A 211 -12.42 9.57 -24.64
N THR A 212 -11.50 10.00 -23.78
CA THR A 212 -10.25 10.61 -24.22
C THR A 212 -9.14 9.58 -24.43
N LEU A 213 -9.32 8.34 -24.00
CA LEU A 213 -8.25 7.36 -23.94
C LEU A 213 -8.24 6.47 -25.19
N SER A 214 -7.04 6.07 -25.60
CA SER A 214 -6.87 5.13 -26.69
C SER A 214 -7.20 3.72 -26.21
N GLU A 215 -7.62 2.87 -27.15
CA GLU A 215 -8.04 1.52 -26.80
C GLU A 215 -6.86 0.68 -26.31
N ASP A 216 -7.12 -0.18 -25.34
CA ASP A 216 -6.14 -1.15 -24.84
C ASP A 216 -4.90 -0.49 -24.24
N SER A 217 -5.04 0.75 -23.76
CA SER A 217 -3.92 1.45 -23.12
C SER A 217 -4.26 1.92 -21.69
N TYR A 218 -5.43 1.53 -21.17
CA TYR A 218 -5.82 1.84 -19.80
C TYR A 218 -6.36 0.60 -19.10
N LYS A 219 -5.75 -0.55 -19.37
CA LYS A 219 -6.18 -1.79 -18.74
C LYS A 219 -6.07 -1.71 -17.22
N ASP A 220 -5.01 -1.07 -16.71
CA ASP A 220 -4.86 -0.93 -15.27
C ASP A 220 -5.92 0.00 -14.69
N SER A 221 -6.23 1.10 -15.39
CA SER A 221 -7.29 1.99 -14.91
C SER A 221 -8.64 1.29 -14.87
N THR A 222 -8.91 0.45 -15.87
CA THR A 222 -10.17 -0.31 -15.89
C THR A 222 -10.24 -1.24 -14.68
N LEU A 223 -9.15 -1.96 -14.41
CA LEU A 223 -9.13 -2.88 -13.27
C LEU A 223 -9.43 -2.16 -11.97
N ILE A 224 -8.89 -0.95 -11.79
CA ILE A 224 -9.08 -0.24 -10.54
C ILE A 224 -10.49 0.32 -10.45
N MET A 225 -11.04 0.81 -11.57
CA MET A 225 -12.43 1.23 -11.58
C MET A 225 -13.36 0.11 -11.18
N GLN A 226 -13.02 -1.14 -11.53
CA GLN A 226 -13.84 -2.28 -11.13
C GLN A 226 -13.72 -2.53 -9.63
N LEU A 227 -12.53 -2.31 -9.05
CA LEU A 227 -12.37 -2.45 -7.61
C LEU A 227 -13.21 -1.42 -6.86
N LEU A 228 -13.26 -0.19 -7.38
CA LEU A 228 -14.11 0.84 -6.78
C LEU A 228 -15.58 0.41 -6.82
N ARG A 229 -16.02 -0.11 -7.97
CA ARG A 229 -17.39 -0.56 -8.11
C ARG A 229 -17.68 -1.74 -7.17
N ASP A 230 -16.70 -2.61 -6.94
CA ASP A 230 -16.90 -3.74 -6.04
C ASP A 230 -17.01 -3.28 -4.60
N ASN A 231 -16.16 -2.35 -4.17
CA ASN A 231 -16.27 -1.82 -2.81
C ASN A 231 -17.62 -1.16 -2.60
N LEU A 232 -18.07 -0.37 -3.58
CA LEU A 232 -19.37 0.29 -3.46
C LEU A 232 -20.50 -0.71 -3.35
N THR A 233 -20.45 -1.78 -4.15
CA THR A 233 -21.48 -2.83 -4.04
C THR A 233 -21.49 -3.45 -2.66
N LEU A 234 -20.30 -3.66 -2.08
CA LEU A 234 -20.21 -4.22 -0.74
C LEU A 234 -20.67 -3.22 0.32
N TRP A 235 -20.39 -1.94 0.11
CA TRP A 235 -20.64 -0.91 1.11
C TRP A 235 -22.05 -0.33 1.06
N THR A 236 -22.80 -0.56 -0.02
CA THR A 236 -24.14 0.01 -0.14
C THR A 236 -25.17 -1.05 -0.51
N VAL B 1 -14.61 -8.35 2.60
CA VAL B 1 -13.24 -7.85 2.48
C VAL B 1 -13.21 -6.61 1.61
N ASN B 2 -12.38 -5.64 2.00
CA ASN B 2 -12.24 -4.40 1.25
C ASN B 2 -11.08 -4.52 0.27
N LEU B 3 -11.29 -4.06 -0.94
CA LEU B 3 -10.32 -4.23 -2.01
C LEU B 3 -9.41 -3.01 -2.13
N ILE B 5 -5.30 -1.72 -3.86
CA ILE B 5 -4.41 -1.98 -4.99
C ILE B 5 -3.01 -1.49 -4.63
#